data_6LQL
#
_entry.id   6LQL
#
_cell.length_a   83.205
_cell.length_b   83.205
_cell.length_c   176.643
_cell.angle_alpha   90.000
_cell.angle_beta   90.000
_cell.angle_gamma   90.000
#
_symmetry.space_group_name_H-M   'P 43 21 2'
#
loop_
_entity.id
_entity.type
_entity.pdbx_description
1 polymer 'Amine oxidase'
2 non-polymer 'FLAVIN-ADENINE DINUCLEOTIDE'
3 non-polymer 1-[(4-methoxyphenyl)methyl]-3,4,5,6,7,8-hexahydroisoquinoline
4 water water
#
_entity_poly.entity_id   1
_entity_poly.type   'polypeptide(L)'
_entity_poly.pdbx_seq_one_letter_code
;MSNQTDADVIVIGAGPSGSYAAKLLHDQGVRVKLVEAKDRVGGRTWSTKSDAPGGPIDFGGQWIGETHVLLPELGAELGL
ETVSSVKPGNDLFVFNGDVEVGEEDQVPSGASWAGELSRSFELLDEVGTRLGWAAPWASEHVGELDSMTVAQWLEQNVQS
SEVRLIHEVMVNILNGASTTEVSMAYWAYFVHQGEGIESLIGTRSGAQVAWFIGGMGQVTELIADKLGDDVHLNWPVTRI
EQDPTGVTVFSGERRLRASFAILAAPPSAGSRMIFDPPLPPKRAQLQARAPMGRLAKIQVRYDEPFWQERGLSGAAFECG
DLAFWLFDGSKPTDSLATIVGFIGGKHLDAWHALSPNEREKRFIEILVNNFGDKARDVRYVHETDWTVQPWTGGAPVTFM
PTGLLSSAGSALREPVDRLHFAGTEAAPMWSGYIEGALRAGKIAAGDVLARLA
;
_entity_poly.pdbx_strand_id   A
#
# COMPACT_ATOMS: atom_id res chain seq x y z
N GLN A 4 3.59 14.91 -35.36
CA GLN A 4 2.65 13.78 -35.38
C GLN A 4 2.80 12.93 -34.12
N THR A 5 1.66 12.59 -33.52
CA THR A 5 1.62 11.90 -32.25
C THR A 5 1.05 10.50 -32.40
N ASP A 6 1.51 9.61 -31.53
CA ASP A 6 0.92 8.28 -31.37
C ASP A 6 -0.35 8.31 -30.52
N ALA A 7 -0.52 9.36 -29.72
CA ALA A 7 -1.64 9.44 -28.81
C ALA A 7 -1.71 10.87 -28.29
N ASP A 8 -2.86 11.23 -27.73
CA ASP A 8 -2.94 12.52 -27.04
C ASP A 8 -2.16 12.47 -25.74
N VAL A 9 -2.24 11.34 -25.03
CA VAL A 9 -1.66 11.18 -23.71
C VAL A 9 -1.03 9.81 -23.60
N ILE A 10 0.18 9.74 -23.05
CA ILE A 10 0.77 8.48 -22.67
C ILE A 10 0.74 8.37 -21.16
N VAL A 11 0.17 7.29 -20.64
CA VAL A 11 0.09 7.04 -19.20
C VAL A 11 1.11 5.95 -18.88
N ILE A 12 2.00 6.24 -17.94
CA ILE A 12 3.07 5.31 -17.63
C ILE A 12 2.73 4.61 -16.32
N GLY A 13 2.55 3.30 -16.39
CA GLY A 13 2.22 2.51 -15.22
C GLY A 13 0.77 2.06 -15.21
N ALA A 14 0.53 0.75 -15.28
CA ALA A 14 -0.84 0.21 -15.28
C ALA A 14 -1.21 -0.38 -13.94
N GLY A 15 -0.85 0.28 -12.84
CA GLY A 15 -1.47 -0.03 -11.59
C GLY A 15 -2.88 0.54 -11.57
N PRO A 16 -3.53 0.51 -10.42
CA PRO A 16 -4.85 1.16 -10.33
C PRO A 16 -4.82 2.62 -10.76
N SER A 17 -3.78 3.37 -10.42
CA SER A 17 -3.79 4.81 -10.72
C SER A 17 -3.73 5.07 -12.22
N GLY A 18 -2.72 4.51 -12.89
CA GLY A 18 -2.57 4.73 -14.32
C GLY A 18 -3.69 4.10 -15.14
N SER A 19 -4.14 2.91 -14.73
CA SER A 19 -5.28 2.31 -15.42
C SER A 19 -6.51 3.20 -15.33
N TYR A 20 -6.77 3.75 -14.14
CA TYR A 20 -7.94 4.60 -13.98
C TYR A 20 -7.80 5.90 -14.78
N ALA A 21 -6.63 6.54 -14.74
CA ALA A 21 -6.43 7.75 -15.54
C ALA A 21 -6.62 7.48 -17.04
N ALA A 22 -6.05 6.37 -17.54
CA ALA A 22 -6.24 6.01 -18.94
C ALA A 22 -7.71 5.78 -19.25
N LYS A 23 -8.42 5.08 -18.36
CA LYS A 23 -9.83 4.84 -18.56
C LYS A 23 -10.61 6.14 -18.65
N LEU A 24 -10.37 7.08 -17.72
CA LEU A 24 -11.13 8.32 -17.72
C LEU A 24 -10.89 9.09 -19.02
N LEU A 25 -9.62 9.15 -19.45
CA LEU A 25 -9.31 9.85 -20.68
C LEU A 25 -9.98 9.17 -21.88
N HIS A 26 -9.84 7.85 -21.98
CA HIS A 26 -10.42 7.09 -23.08
C HIS A 26 -11.94 7.27 -23.10
N ASP A 27 -12.56 7.27 -21.92
CA ASP A 27 -13.99 7.49 -21.82
C ASP A 27 -14.41 8.84 -22.38
N GLN A 28 -13.51 9.83 -22.31
CA GLN A 28 -13.82 11.13 -22.90
C GLN A 28 -13.42 11.23 -24.37
N GLY A 29 -13.03 10.12 -25.01
CA GLY A 29 -12.64 10.15 -26.40
C GLY A 29 -11.21 10.62 -26.65
N VAL A 30 -10.38 10.70 -25.62
CA VAL A 30 -8.97 11.02 -25.80
C VAL A 30 -8.23 9.77 -26.29
N ARG A 31 -7.27 9.98 -27.20
CA ARG A 31 -6.41 8.90 -27.66
C ARG A 31 -5.32 8.67 -26.61
N VAL A 32 -5.28 7.48 -26.04
CA VAL A 32 -4.36 7.21 -24.95
C VAL A 32 -3.54 5.96 -25.23
N LYS A 33 -2.30 5.96 -24.74
CA LYS A 33 -1.47 4.77 -24.67
C LYS A 33 -1.20 4.52 -23.19
N LEU A 34 -1.37 3.29 -22.74
CA LEU A 34 -1.02 2.89 -21.38
C LEU A 34 0.13 1.90 -21.46
N VAL A 35 1.30 2.31 -20.98
CA VAL A 35 2.52 1.51 -21.12
C VAL A 35 2.92 1.02 -19.73
N GLU A 36 3.25 -0.27 -19.64
CA GLU A 36 3.51 -0.96 -18.38
C GLU A 36 4.77 -1.79 -18.51
N ALA A 37 5.65 -1.70 -17.50
CA ALA A 37 6.95 -2.39 -17.52
C ALA A 37 6.79 -3.90 -17.40
N LYS A 38 5.86 -4.36 -16.56
CA LYS A 38 5.75 -5.79 -16.24
C LYS A 38 5.02 -6.52 -17.37
N ASP A 39 5.00 -7.85 -17.29
CA ASP A 39 4.21 -8.69 -18.19
C ASP A 39 2.72 -8.73 -17.83
N ARG A 40 2.26 -7.88 -16.91
CA ARG A 40 0.86 -7.87 -16.47
C ARG A 40 0.52 -6.44 -16.04
N VAL A 41 -0.77 -6.16 -15.94
CA VAL A 41 -1.24 -4.92 -15.29
C VAL A 41 -1.49 -5.24 -13.82
N GLY A 42 -1.67 -4.19 -13.00
CA GLY A 42 -2.09 -4.32 -11.61
C GLY A 42 -1.12 -3.69 -10.63
N GLY A 43 0.17 -3.71 -10.94
CA GLY A 43 1.16 -3.12 -10.05
C GLY A 43 1.21 -3.82 -8.70
N ARG A 44 0.98 -3.05 -7.64
CA ARG A 44 0.91 -3.62 -6.31
C ARG A 44 -0.41 -4.31 -6.03
N THR A 45 -1.33 -4.35 -6.99
CA THR A 45 -2.48 -5.25 -6.91
C THR A 45 -2.23 -6.38 -7.90
N TRP A 46 -2.65 -7.59 -7.51
CA TRP A 46 -2.21 -8.81 -8.20
C TRP A 46 -3.01 -9.97 -7.64
N SER A 47 -3.77 -10.68 -8.47
CA SER A 47 -4.58 -11.78 -7.96
C SER A 47 -4.74 -12.84 -9.05
N THR A 48 -5.19 -14.02 -8.63
CA THR A 48 -5.48 -15.12 -9.56
C THR A 48 -6.73 -15.85 -9.12
N LYS A 49 -7.66 -16.06 -10.05
CA LYS A 49 -8.91 -16.73 -9.71
C LYS A 49 -8.72 -18.22 -9.49
N SER A 50 -7.77 -18.84 -10.18
CA SER A 50 -7.74 -20.30 -10.25
C SER A 50 -6.39 -20.95 -9.96
N ASP A 51 -5.30 -20.20 -9.82
CA ASP A 51 -4.00 -20.85 -9.61
C ASP A 51 -3.86 -21.46 -8.22
N ALA A 52 -4.63 -21.01 -7.24
CA ALA A 52 -4.49 -21.57 -5.90
C ALA A 52 -5.69 -22.41 -5.53
N PRO A 53 -5.50 -23.53 -4.84
CA PRO A 53 -6.65 -24.30 -4.38
C PRO A 53 -7.45 -23.48 -3.38
N GLY A 54 -8.78 -23.65 -3.39
CA GLY A 54 -9.65 -23.05 -2.40
C GLY A 54 -10.33 -21.76 -2.83
N GLY A 55 -10.01 -21.24 -4.01
CA GLY A 55 -10.65 -20.03 -4.48
C GLY A 55 -9.65 -18.97 -4.89
N PRO A 56 -10.13 -17.85 -5.44
CA PRO A 56 -9.22 -16.78 -5.85
C PRO A 56 -8.34 -16.32 -4.70
N ILE A 57 -7.16 -15.80 -5.04
CA ILE A 57 -6.23 -15.34 -4.01
C ILE A 57 -5.56 -14.06 -4.49
N ASP A 58 -5.30 -13.14 -3.55
CA ASP A 58 -4.66 -11.86 -3.81
C ASP A 58 -3.23 -11.88 -3.30
N PHE A 59 -2.29 -11.50 -4.17
CA PHE A 59 -0.89 -11.37 -3.76
C PHE A 59 -0.51 -9.96 -3.33
N GLY A 60 -1.28 -8.95 -3.72
CA GLY A 60 -1.01 -7.60 -3.30
C GLY A 60 -2.19 -6.99 -2.55
N GLY A 61 -2.43 -5.71 -2.74
CA GLY A 61 -3.45 -5.03 -1.94
C GLY A 61 -4.85 -5.50 -2.29
N GLN A 62 -5.69 -5.65 -1.25
CA GLN A 62 -7.02 -6.19 -1.52
C GLN A 62 -8.16 -5.60 -0.69
N TRP A 63 -7.92 -4.84 0.37
CA TRP A 63 -9.01 -4.39 1.23
C TRP A 63 -9.55 -3.04 0.78
N ILE A 64 -10.86 -2.87 0.93
CA ILE A 64 -11.59 -1.65 0.60
C ILE A 64 -12.05 -1.02 1.91
N GLY A 65 -11.87 0.31 2.04
CA GLY A 65 -12.24 1.01 3.26
C GLY A 65 -13.67 1.53 3.27
N GLU A 66 -14.17 1.82 4.46
CA GLU A 66 -15.56 2.22 4.57
C GLU A 66 -15.80 3.65 4.07
N THR A 67 -14.76 4.50 4.06
CA THR A 67 -14.90 5.85 3.49
C THR A 67 -14.30 5.98 2.08
N HIS A 68 -13.88 4.89 1.48
CA HIS A 68 -13.41 4.92 0.11
C HIS A 68 -14.62 4.97 -0.82
N VAL A 69 -14.55 5.83 -1.85
CA VAL A 69 -15.70 5.88 -2.76
C VAL A 69 -15.31 5.67 -4.21
N LEU A 70 -14.15 6.15 -4.65
CA LEU A 70 -13.77 5.89 -6.04
C LEU A 70 -13.60 4.40 -6.27
N LEU A 71 -12.98 3.70 -5.31
CA LEU A 71 -12.73 2.26 -5.46
C LEU A 71 -14.01 1.44 -5.57
N PRO A 72 -14.92 1.49 -4.60
CA PRO A 72 -16.17 0.73 -4.76
C PRO A 72 -16.98 1.16 -5.98
N GLU A 73 -17.02 2.46 -6.30
CA GLU A 73 -17.80 2.87 -7.47
C GLU A 73 -17.19 2.31 -8.76
N LEU A 74 -15.86 2.33 -8.88
CA LEU A 74 -15.21 1.73 -10.03
C LEU A 74 -15.51 0.24 -10.10
N GLY A 75 -15.36 -0.46 -8.96
CA GLY A 75 -15.64 -1.89 -8.95
C GLY A 75 -17.05 -2.18 -9.42
N ALA A 76 -18.03 -1.45 -8.90
CA ALA A 76 -19.41 -1.62 -9.35
C ALA A 76 -19.54 -1.36 -10.85
N GLU A 77 -18.97 -0.25 -11.33
CA GLU A 77 -19.05 0.04 -12.76
C GLU A 77 -18.47 -1.08 -13.62
N LEU A 78 -17.42 -1.75 -13.13
CA LEU A 78 -16.79 -2.84 -13.88
C LEU A 78 -17.50 -4.18 -13.71
N GLY A 79 -18.58 -4.24 -12.95
CA GLY A 79 -19.32 -5.47 -12.75
C GLY A 79 -18.88 -6.32 -11.58
N LEU A 80 -18.03 -5.80 -10.70
CA LEU A 80 -17.55 -6.59 -9.57
C LEU A 80 -18.53 -6.51 -8.40
N GLU A 81 -18.53 -7.55 -7.58
CA GLU A 81 -19.32 -7.60 -6.37
C GLU A 81 -18.43 -7.58 -5.13
N THR A 82 -18.86 -6.86 -4.10
CA THR A 82 -18.12 -6.84 -2.85
C THR A 82 -18.69 -7.85 -1.85
N VAL A 83 -17.87 -8.20 -0.87
CA VAL A 83 -18.29 -8.96 0.28
C VAL A 83 -17.60 -8.36 1.50
N SER A 84 -18.30 -8.34 2.63
CA SER A 84 -17.69 -7.83 3.85
C SER A 84 -16.45 -8.64 4.20
N SER A 85 -15.41 -7.95 4.65
CA SER A 85 -14.21 -8.58 5.17
C SER A 85 -14.21 -8.68 6.69
N VAL A 86 -15.25 -8.17 7.36
CA VAL A 86 -15.20 -8.00 8.80
C VAL A 86 -15.35 -9.35 9.47
N LYS A 87 -14.48 -9.62 10.44
CA LYS A 87 -14.40 -10.91 11.12
C LYS A 87 -14.73 -10.76 12.59
N PRO A 88 -15.93 -11.14 13.03
CA PRO A 88 -16.24 -11.17 14.46
C PRO A 88 -15.34 -12.12 15.24
N GLY A 89 -15.37 -11.96 16.55
CA GLY A 89 -14.53 -12.75 17.44
C GLY A 89 -13.48 -11.87 18.10
N ASN A 90 -12.68 -12.52 18.95
CA ASN A 90 -11.66 -11.82 19.71
C ASN A 90 -10.37 -11.69 18.91
N ASP A 91 -9.95 -10.45 18.66
CA ASP A 91 -8.64 -10.17 18.10
C ASP A 91 -7.55 -10.45 19.14
N LEU A 92 -6.35 -10.78 18.66
CA LEU A 92 -5.23 -11.10 19.53
C LEU A 92 -4.19 -9.98 19.54
N PHE A 93 -3.58 -9.77 20.71
CA PHE A 93 -2.41 -8.91 20.86
C PHE A 93 -1.31 -9.78 21.47
N VAL A 94 -0.27 -10.08 20.70
CA VAL A 94 0.72 -11.06 21.11
C VAL A 94 2.05 -10.34 21.30
N PHE A 95 2.71 -10.57 22.42
CA PHE A 95 3.98 -9.90 22.70
C PHE A 95 5.07 -10.96 22.88
N ASN A 96 5.92 -11.09 21.85
CA ASN A 96 6.95 -12.10 21.80
C ASN A 96 6.42 -13.47 22.27
N GLY A 97 5.28 -13.85 21.72
CA GLY A 97 4.71 -15.15 21.94
C GLY A 97 3.71 -15.22 23.08
N ASP A 98 3.67 -14.21 23.95
N ASP A 98 3.67 -14.22 23.96
CA ASP A 98 2.72 -14.16 25.05
CA ASP A 98 2.71 -14.20 25.06
C ASP A 98 1.40 -13.60 24.51
C ASP A 98 1.41 -13.60 24.52
N VAL A 99 0.39 -14.44 24.42
CA VAL A 99 -0.88 -14.07 23.78
C VAL A 99 -1.80 -13.41 24.79
N GLU A 100 -2.33 -12.25 24.43
CA GLU A 100 -3.37 -11.58 25.19
C GLU A 100 -4.60 -11.46 24.30
N VAL A 101 -5.77 -11.81 24.83
CA VAL A 101 -6.99 -11.94 24.05
C VAL A 101 -7.81 -10.67 24.19
N GLY A 102 -8.09 -10.03 23.06
CA GLY A 102 -8.89 -8.83 23.07
C GLY A 102 -10.36 -9.13 23.37
N GLU A 103 -11.12 -8.07 23.62
CA GLU A 103 -12.58 -8.17 23.69
C GLU A 103 -13.15 -7.73 22.35
N GLU A 104 -13.47 -8.69 21.47
CA GLU A 104 -13.72 -8.41 20.07
C GLU A 104 -12.52 -7.62 19.55
N ASP A 105 -12.70 -6.42 19.01
CA ASP A 105 -11.58 -5.66 18.48
C ASP A 105 -10.91 -4.79 19.54
N GLN A 106 -11.41 -4.79 20.78
CA GLN A 106 -10.87 -3.91 21.81
C GLN A 106 -9.71 -4.57 22.55
N VAL A 107 -8.97 -3.75 23.30
CA VAL A 107 -7.83 -4.23 24.09
C VAL A 107 -8.30 -5.32 25.04
N PRO A 108 -7.41 -6.18 25.52
CA PRO A 108 -7.82 -7.18 26.51
C PRO A 108 -8.37 -6.50 27.76
N SER A 109 -9.35 -7.15 28.37
CA SER A 109 -9.95 -6.67 29.62
C SER A 109 -8.88 -6.35 30.64
N GLY A 110 -8.85 -5.11 31.11
CA GLY A 110 -7.92 -4.73 32.16
C GLY A 110 -6.47 -4.69 31.75
N ALA A 111 -6.17 -4.66 30.44
CA ALA A 111 -4.78 -4.60 29.99
C ALA A 111 -4.06 -3.43 30.65
N SER A 112 -2.87 -3.71 31.17
CA SER A 112 -2.13 -2.69 31.90
C SER A 112 -1.66 -1.57 30.99
N TRP A 113 -1.61 -1.81 29.68
CA TRP A 113 -1.09 -0.85 28.71
C TRP A 113 -2.17 -0.08 27.97
N ALA A 114 -3.45 -0.32 28.27
CA ALA A 114 -4.52 0.28 27.49
C ALA A 114 -4.50 1.80 27.56
N GLY A 115 -4.29 2.35 28.76
CA GLY A 115 -4.32 3.79 28.91
C GLY A 115 -3.22 4.47 28.12
N GLU A 116 -1.98 4.00 28.26
N GLU A 116 -1.99 3.98 28.27
CA GLU A 116 -0.91 4.64 27.51
CA GLU A 116 -0.86 4.57 27.54
C GLU A 116 -1.08 4.41 26.01
C GLU A 116 -1.04 4.39 26.04
N LEU A 117 -1.64 3.28 25.62
CA LEU A 117 -1.90 3.07 24.19
C LEU A 117 -2.83 4.16 23.66
N SER A 118 -3.98 4.35 24.31
CA SER A 118 -4.91 5.38 23.86
C SER A 118 -4.25 6.75 23.84
N ARG A 119 -3.47 7.09 24.88
CA ARG A 119 -2.82 8.41 24.88
C ARG A 119 -1.82 8.53 23.74
N SER A 120 -1.08 7.47 23.43
CA SER A 120 -0.10 7.54 22.36
C SER A 120 -0.80 7.73 21.01
N PHE A 121 -1.97 7.10 20.84
CA PHE A 121 -2.71 7.28 19.59
C PHE A 121 -3.21 8.70 19.46
N GLU A 122 -3.75 9.26 20.56
CA GLU A 122 -4.20 10.64 20.52
C GLU A 122 -3.05 11.58 20.20
N LEU A 123 -1.87 11.32 20.79
CA LEU A 123 -0.71 12.14 20.53
C LEU A 123 -0.30 12.05 19.06
N LEU A 124 -0.29 10.84 18.51
CA LEU A 124 0.07 10.67 17.10
C LEU A 124 -0.89 11.44 16.19
N ASP A 125 -2.19 11.33 16.46
CA ASP A 125 -3.17 12.06 15.68
C ASP A 125 -2.94 13.56 15.76
N GLU A 126 -2.57 14.06 16.95
CA GLU A 126 -2.34 15.49 17.11
C GLU A 126 -1.12 15.96 16.31
N VAL A 127 -0.04 15.18 16.30
CA VAL A 127 1.10 15.53 15.44
C VAL A 127 0.66 15.61 13.98
N GLY A 128 -0.10 14.59 13.54
CA GLY A 128 -0.57 14.57 12.17
C GLY A 128 -1.40 15.79 11.83
N THR A 129 -2.29 16.17 12.73
CA THR A 129 -3.16 17.32 12.48
C THR A 129 -2.36 18.61 12.40
N ARG A 130 -1.28 18.71 13.18
CA ARG A 130 -0.40 19.87 13.04
C ARG A 130 0.22 19.94 11.66
N LEU A 131 0.45 18.79 11.01
CA LEU A 131 1.00 18.85 9.65
C LEU A 131 -0.06 19.01 8.54
N GLY A 132 -1.16 18.28 8.61
CA GLY A 132 -2.19 18.33 7.58
C GLY A 132 -1.83 17.56 6.33
N TRP A 133 -2.85 17.35 5.48
CA TRP A 133 -2.68 16.65 4.21
C TRP A 133 -2.50 17.59 3.02
N ALA A 134 -3.01 18.81 3.11
CA ALA A 134 -2.97 19.72 1.96
C ALA A 134 -1.54 20.12 1.59
N ALA A 135 -0.71 20.45 2.57
CA ALA A 135 0.62 20.94 2.31
C ALA A 135 1.48 20.74 3.55
N PRO A 136 1.74 19.49 3.95
CA PRO A 136 2.53 19.27 5.16
C PRO A 136 3.89 19.90 5.11
N TRP A 137 4.49 19.99 3.91
CA TRP A 137 5.81 20.60 3.74
C TRP A 137 5.81 22.09 4.09
N ALA A 138 4.65 22.72 4.15
CA ALA A 138 4.55 24.14 4.45
C ALA A 138 4.18 24.43 5.89
N SER A 139 4.01 23.40 6.72
CA SER A 139 3.59 23.58 8.11
C SER A 139 4.75 24.12 8.92
N GLU A 140 4.41 25.02 9.86
CA GLU A 140 5.49 25.54 10.69
C GLU A 140 6.16 24.46 11.55
N HIS A 141 5.50 23.31 11.75
CA HIS A 141 6.04 22.26 12.60
C HIS A 141 6.84 21.20 11.85
N VAL A 142 6.94 21.29 10.52
CA VAL A 142 7.46 20.14 9.78
C VAL A 142 8.98 20.03 9.85
N GLY A 143 9.72 21.15 9.93
CA GLY A 143 11.16 21.02 9.92
C GLY A 143 11.69 20.21 11.10
N GLU A 144 11.18 20.50 12.29
CA GLU A 144 11.63 19.77 13.47
C GLU A 144 11.15 18.32 13.44
N LEU A 145 9.89 18.10 13.10
CA LEU A 145 9.37 16.73 13.07
C LEU A 145 10.09 15.90 12.02
N ASP A 146 10.50 16.54 10.92
CA ASP A 146 11.13 15.85 9.80
C ASP A 146 12.61 15.60 10.05
N SER A 147 13.15 16.18 11.13
CA SER A 147 14.53 15.91 11.51
C SER A 147 14.69 14.79 12.53
N MET A 148 13.61 14.12 12.93
CA MET A 148 13.68 13.02 13.87
C MET A 148 12.95 11.81 13.31
N THR A 149 13.27 10.63 13.85
CA THR A 149 12.64 9.39 13.43
C THR A 149 11.43 9.05 14.30
N VAL A 150 10.63 8.11 13.81
CA VAL A 150 9.51 7.62 14.62
C VAL A 150 10.04 6.97 15.89
N ALA A 151 11.14 6.24 15.79
CA ALA A 151 11.73 5.62 16.98
C ALA A 151 12.08 6.66 18.04
N GLN A 152 12.63 7.79 17.62
CA GLN A 152 12.97 8.82 18.60
C GLN A 152 11.72 9.43 19.23
N TRP A 153 10.66 9.62 18.44
CA TRP A 153 9.40 10.11 19.00
C TRP A 153 8.82 9.13 20.01
N LEU A 154 8.89 7.83 19.71
CA LEU A 154 8.45 6.82 20.67
C LEU A 154 9.29 6.87 21.94
N GLU A 155 10.60 6.99 21.80
CA GLU A 155 11.46 7.08 22.98
C GLU A 155 11.06 8.27 23.84
N GLN A 156 10.66 9.37 23.22
CA GLN A 156 10.28 10.56 23.97
C GLN A 156 8.87 10.50 24.54
N ASN A 157 7.96 9.71 23.97
CA ASN A 157 6.55 9.84 24.33
C ASN A 157 5.87 8.56 24.82
N VAL A 158 6.54 7.41 24.76
CA VAL A 158 5.98 6.13 25.15
C VAL A 158 6.94 5.46 26.12
N GLN A 159 6.42 4.95 27.23
CA GLN A 159 7.26 4.16 28.14
C GLN A 159 6.96 2.65 28.17
N SER A 160 5.72 2.27 27.96
CA SER A 160 5.33 0.87 28.01
C SER A 160 5.97 0.08 26.88
N SER A 161 6.46 -1.11 27.18
CA SER A 161 7.03 -1.94 26.12
C SER A 161 5.94 -2.43 25.17
N GLU A 162 4.75 -2.75 25.70
CA GLU A 162 3.67 -3.19 24.82
C GLU A 162 3.28 -2.11 23.82
N VAL A 163 3.17 -0.86 24.29
CA VAL A 163 2.76 0.22 23.39
C VAL A 163 3.86 0.49 22.36
N ARG A 164 5.12 0.48 22.79
CA ARG A 164 6.20 0.65 21.82
C ARG A 164 6.15 -0.44 20.76
N LEU A 165 5.98 -1.70 21.17
CA LEU A 165 5.99 -2.79 20.20
C LEU A 165 4.78 -2.72 19.27
N ILE A 166 3.65 -2.24 19.76
CA ILE A 166 2.50 -2.04 18.88
C ILE A 166 2.83 -0.98 17.84
N HIS A 167 3.43 0.14 18.27
CA HIS A 167 3.77 1.17 17.29
C HIS A 167 4.83 0.67 16.31
N GLU A 168 5.78 -0.14 16.78
CA GLU A 168 6.80 -0.65 15.87
C GLU A 168 6.18 -1.56 14.82
N VAL A 169 5.27 -2.45 15.21
CA VAL A 169 4.66 -3.28 14.16
C VAL A 169 3.81 -2.42 13.23
N MET A 170 3.13 -1.40 13.75
CA MET A 170 2.35 -0.51 12.88
C MET A 170 3.23 0.12 11.80
N VAL A 171 4.39 0.65 12.17
CA VAL A 171 5.20 1.35 11.19
C VAL A 171 5.87 0.35 10.24
N ASN A 172 6.34 -0.79 10.77
CA ASN A 172 7.07 -1.72 9.92
C ASN A 172 6.14 -2.35 8.89
N ILE A 173 4.84 -2.39 9.19
CA ILE A 173 3.83 -2.92 8.27
C ILE A 173 3.28 -1.83 7.36
N LEU A 174 2.73 -0.75 7.93
CA LEU A 174 2.02 0.23 7.13
C LEU A 174 2.94 1.11 6.31
N ASN A 175 4.21 1.24 6.69
CA ASN A 175 5.18 1.92 5.84
C ASN A 175 6.27 0.96 5.35
N GLY A 176 6.19 -0.32 5.69
CA GLY A 176 7.23 -1.27 5.31
C GLY A 176 8.63 -0.93 5.75
N ALA A 177 8.80 -0.20 6.85
CA ALA A 177 10.14 0.26 7.19
C ALA A 177 10.24 0.40 8.71
N SER A 178 11.48 0.39 9.19
CA SER A 178 11.72 0.46 10.63
C SER A 178 11.37 1.84 11.18
N THR A 179 10.99 1.87 12.46
CA THR A 179 10.81 3.17 13.13
C THR A 179 12.10 3.98 13.14
N THR A 180 13.27 3.34 13.05
CA THR A 180 14.51 4.10 13.01
C THR A 180 14.82 4.63 11.62
N GLU A 181 14.04 4.24 10.61
CA GLU A 181 14.28 4.63 9.23
C GLU A 181 13.35 5.73 8.74
N VAL A 182 12.14 5.82 9.31
CA VAL A 182 11.08 6.68 8.80
C VAL A 182 11.08 8.00 9.57
N SER A 183 11.01 9.10 8.83
CA SER A 183 10.84 10.42 9.44
C SER A 183 9.53 10.48 10.22
N MET A 184 9.59 11.06 11.43
CA MET A 184 8.35 11.20 12.20
C MET A 184 7.35 12.11 11.47
N ALA A 185 7.85 13.16 10.82
CA ALA A 185 6.94 14.00 10.04
C ALA A 185 6.23 13.19 8.94
N TYR A 186 6.99 12.37 8.20
CA TYR A 186 6.36 11.56 7.16
C TYR A 186 5.32 10.62 7.74
N TRP A 187 5.66 9.88 8.81
CA TRP A 187 4.71 8.94 9.41
C TRP A 187 3.44 9.67 9.89
N ALA A 188 3.61 10.77 10.62
CA ALA A 188 2.45 11.47 11.16
C ALA A 188 1.56 12.01 10.03
N TYR A 189 2.18 12.58 8.99
CA TYR A 189 1.44 13.03 7.82
C TYR A 189 0.71 11.87 7.16
N PHE A 190 1.41 10.75 6.97
CA PHE A 190 0.84 9.58 6.33
C PHE A 190 -0.42 9.11 7.05
N VAL A 191 -0.35 9.02 8.39
CA VAL A 191 -1.51 8.56 9.16
C VAL A 191 -2.66 9.57 9.11
N HIS A 192 -2.34 10.87 9.24
CA HIS A 192 -3.39 11.89 9.22
C HIS A 192 -4.13 11.89 7.90
N GLN A 193 -3.39 11.77 6.79
CA GLN A 193 -4.02 11.84 5.48
C GLN A 193 -4.72 10.53 5.11
N GLY A 194 -4.59 9.50 5.94
CA GLY A 194 -5.37 8.28 5.86
C GLY A 194 -6.55 8.32 6.82
N GLU A 195 -6.88 9.53 7.28
CA GLU A 195 -8.04 9.81 8.13
C GLU A 195 -7.82 9.41 9.58
N GLY A 196 -6.58 9.22 9.99
CA GLY A 196 -6.24 9.01 11.39
C GLY A 196 -5.87 7.56 11.70
N ILE A 197 -5.31 7.37 12.90
CA ILE A 197 -4.74 6.06 13.23
C ILE A 197 -5.83 5.01 13.40
N GLU A 198 -6.98 5.38 14.00
CA GLU A 198 -8.04 4.38 14.15
C GLU A 198 -8.54 3.92 12.79
N SER A 199 -8.60 4.83 11.82
CA SER A 199 -8.94 4.47 10.45
C SER A 199 -7.99 3.39 9.92
N LEU A 200 -6.70 3.55 10.18
CA LEU A 200 -5.71 2.66 9.55
C LEU A 200 -5.52 1.33 10.29
N ILE A 201 -5.80 1.26 11.60
CA ILE A 201 -5.60 -0.01 12.31
C ILE A 201 -6.90 -0.69 12.73
N GLY A 202 -8.06 -0.16 12.34
CA GLY A 202 -9.33 -0.75 12.79
C GLY A 202 -9.71 -1.96 11.95
N THR A 203 -10.07 -3.05 12.62
CA THR A 203 -10.48 -4.27 11.94
C THR A 203 -11.97 -4.30 11.63
N ARG A 204 -12.78 -3.42 12.22
CA ARG A 204 -14.24 -3.49 12.13
C ARG A 204 -14.82 -2.30 11.40
N SER A 205 -14.22 -1.15 11.60
CA SER A 205 -14.56 0.06 10.91
C SER A 205 -13.24 0.76 10.58
N GLY A 206 -13.19 1.36 9.41
CA GLY A 206 -12.00 2.07 9.00
C GLY A 206 -11.62 1.69 7.59
N ALA A 207 -10.32 1.60 7.34
CA ALA A 207 -9.82 1.47 5.98
C ALA A 207 -9.94 0.04 5.44
N GLN A 208 -10.51 -0.89 6.21
CA GLN A 208 -10.49 -2.33 5.87
C GLN A 208 -11.85 -2.96 6.20
N VAL A 209 -12.82 -2.89 5.27
CA VAL A 209 -14.14 -3.47 5.58
C VAL A 209 -14.71 -4.38 4.49
N ALA A 210 -14.13 -4.38 3.28
CA ALA A 210 -14.72 -5.18 2.21
C ALA A 210 -13.64 -5.63 1.23
N TRP A 211 -14.01 -6.62 0.41
CA TRP A 211 -13.19 -7.17 -0.66
C TRP A 211 -14.03 -7.31 -1.91
N PHE A 212 -13.36 -7.38 -3.06
CA PHE A 212 -14.01 -7.78 -4.31
C PHE A 212 -13.93 -9.31 -4.46
N ILE A 213 -15.09 -9.94 -4.61
CA ILE A 213 -15.10 -11.36 -4.99
C ILE A 213 -14.36 -11.53 -6.31
N GLY A 214 -13.42 -12.47 -6.34
CA GLY A 214 -12.65 -12.73 -7.54
C GLY A 214 -11.26 -12.10 -7.57
N GLY A 215 -10.97 -11.19 -6.67
CA GLY A 215 -9.62 -10.64 -6.59
C GLY A 215 -9.54 -9.19 -7.05
N MET A 216 -8.65 -8.43 -6.39
CA MET A 216 -8.50 -7.01 -6.71
C MET A 216 -7.84 -6.80 -8.07
N GLY A 217 -7.04 -7.76 -8.54
CA GLY A 217 -6.42 -7.63 -9.86
C GLY A 217 -7.44 -7.42 -10.96
N GLN A 218 -8.67 -7.90 -10.76
CA GLN A 218 -9.72 -7.73 -11.77
C GLN A 218 -9.85 -6.26 -12.18
N VAL A 219 -9.72 -5.35 -11.21
CA VAL A 219 -9.96 -3.95 -11.52
C VAL A 219 -9.10 -3.51 -12.70
N THR A 220 -7.79 -3.76 -12.61
CA THR A 220 -6.94 -3.30 -13.70
C THR A 220 -7.14 -4.18 -14.93
N GLU A 221 -7.37 -5.48 -14.74
CA GLU A 221 -7.48 -6.35 -15.90
C GLU A 221 -8.67 -5.95 -16.76
N LEU A 222 -9.81 -5.70 -16.11
CA LEU A 222 -10.99 -5.30 -16.87
C LEU A 222 -10.76 -3.98 -17.59
N ILE A 223 -10.09 -3.03 -16.92
CA ILE A 223 -9.81 -1.77 -17.62
C ILE A 223 -8.94 -2.05 -18.82
N ALA A 224 -7.93 -2.91 -18.65
CA ALA A 224 -7.05 -3.19 -19.78
C ALA A 224 -7.84 -3.84 -20.90
N ASP A 225 -8.82 -4.69 -20.55
CA ASP A 225 -9.61 -5.33 -21.60
C ASP A 225 -10.20 -4.27 -22.50
N LYS A 226 -10.84 -3.27 -21.90
CA LYS A 226 -11.50 -2.28 -22.74
C LYS A 226 -10.50 -1.46 -23.52
N LEU A 227 -9.31 -1.21 -22.95
CA LEU A 227 -8.32 -0.41 -23.67
C LEU A 227 -7.69 -1.19 -24.80
N GLY A 228 -7.79 -2.51 -24.77
CA GLY A 228 -7.30 -3.31 -25.88
C GLY A 228 -5.88 -3.00 -26.29
N ASP A 229 -5.70 -2.71 -27.59
CA ASP A 229 -4.35 -2.58 -28.10
C ASP A 229 -3.66 -1.27 -27.70
N ASP A 230 -4.36 -0.38 -26.98
CA ASP A 230 -3.67 0.82 -26.50
C ASP A 230 -2.89 0.54 -25.21
N VAL A 231 -2.97 -0.67 -24.69
CA VAL A 231 -2.13 -1.12 -23.58
C VAL A 231 -0.89 -1.80 -24.14
N HIS A 232 0.28 -1.38 -23.67
CA HIS A 232 1.54 -2.03 -24.02
C HIS A 232 2.15 -2.63 -22.76
N LEU A 233 2.19 -3.95 -22.68
CA LEU A 233 2.92 -4.62 -21.62
C LEU A 233 4.38 -4.78 -22.03
N ASN A 234 5.21 -5.18 -21.06
CA ASN A 234 6.64 -5.38 -21.31
C ASN A 234 7.27 -4.15 -21.97
N TRP A 235 6.88 -2.98 -21.50
CA TRP A 235 7.27 -1.70 -22.09
C TRP A 235 7.80 -0.79 -20.97
N PRO A 236 8.91 -1.16 -20.35
CA PRO A 236 9.48 -0.33 -19.27
C PRO A 236 9.99 0.99 -19.84
N VAL A 237 9.49 2.08 -19.28
CA VAL A 237 9.95 3.39 -19.71
C VAL A 237 11.34 3.66 -19.16
N THR A 238 12.26 4.05 -20.04
CA THR A 238 13.63 4.33 -19.65
C THR A 238 14.00 5.80 -19.81
N ARG A 239 13.22 6.58 -20.54
CA ARG A 239 13.57 7.95 -20.81
C ARG A 239 12.32 8.74 -21.15
N ILE A 240 12.24 9.97 -20.65
CA ILE A 240 11.17 10.89 -21.00
C ILE A 240 11.81 12.19 -21.49
N GLU A 241 11.47 12.60 -22.71
CA GLU A 241 11.95 13.84 -23.28
C GLU A 241 10.77 14.77 -23.50
N GLN A 242 10.95 16.04 -23.19
CA GLN A 242 9.89 17.03 -23.36
C GLN A 242 10.35 18.15 -24.27
N ASP A 243 9.39 18.75 -24.96
CA ASP A 243 9.67 19.92 -25.79
C ASP A 243 8.41 20.74 -25.90
N PRO A 244 8.49 21.93 -26.53
CA PRO A 244 7.37 22.87 -26.48
C PRO A 244 6.05 22.30 -26.97
N THR A 245 6.07 21.26 -27.81
CA THR A 245 4.85 20.74 -28.38
C THR A 245 4.44 19.36 -27.86
N GLY A 246 5.21 18.74 -26.97
CA GLY A 246 4.75 17.46 -26.46
C GLY A 246 5.86 16.70 -25.75
N VAL A 247 5.64 15.38 -25.63
CA VAL A 247 6.47 14.49 -24.83
C VAL A 247 6.74 13.20 -25.61
N THR A 248 8.01 12.78 -25.64
CA THR A 248 8.42 11.51 -26.20
C THR A 248 8.82 10.57 -25.06
N VAL A 249 8.21 9.39 -25.02
CA VAL A 249 8.47 8.39 -24.00
C VAL A 249 9.18 7.21 -24.66
N PHE A 250 10.30 6.77 -24.08
CA PHE A 250 11.11 5.71 -24.66
C PHE A 250 11.10 4.47 -23.78
N SER A 251 11.19 3.32 -24.44
CA SER A 251 11.55 2.04 -23.81
C SER A 251 12.71 1.52 -24.63
N GLY A 252 13.93 1.73 -24.14
CA GLY A 252 15.10 1.49 -24.96
C GLY A 252 15.01 2.36 -26.20
N GLU A 253 15.06 1.73 -27.38
CA GLU A 253 14.95 2.51 -28.61
C GLU A 253 13.50 2.71 -29.04
N ARG A 254 12.58 1.94 -28.49
CA ARG A 254 11.17 2.13 -28.82
C ARG A 254 10.69 3.48 -28.30
N ARG A 255 9.83 4.15 -29.06
CA ARG A 255 9.39 5.48 -28.68
C ARG A 255 7.92 5.67 -29.01
N LEU A 256 7.28 6.50 -28.19
CA LEU A 256 5.89 6.90 -28.37
C LEU A 256 5.82 8.42 -28.16
N ARG A 257 5.11 9.12 -29.04
CA ARG A 257 4.98 10.57 -28.98
C ARG A 257 3.56 10.96 -28.60
N ALA A 258 3.43 11.94 -27.71
CA ALA A 258 2.10 12.42 -27.32
C ALA A 258 2.17 13.89 -26.96
N SER A 259 1.00 14.48 -26.66
CA SER A 259 0.97 15.87 -26.19
C SER A 259 1.26 15.98 -24.71
N PHE A 260 0.85 15.00 -23.91
CA PHE A 260 1.07 15.00 -22.47
C PHE A 260 1.39 13.59 -22.01
N ALA A 261 2.00 13.50 -20.83
CA ALA A 261 2.28 12.20 -20.24
C ALA A 261 1.87 12.25 -18.78
N ILE A 262 1.49 11.09 -18.24
CA ILE A 262 1.16 10.97 -16.82
C ILE A 262 2.03 9.85 -16.28
N LEU A 263 2.85 10.17 -15.28
CA LEU A 263 3.65 9.15 -14.60
C LEU A 263 2.79 8.62 -13.45
N ALA A 264 2.30 7.39 -13.59
CA ALA A 264 1.43 6.78 -12.59
C ALA A 264 2.16 5.66 -11.86
N ALA A 265 3.26 6.01 -11.22
CA ALA A 265 4.11 5.05 -10.53
C ALA A 265 4.82 5.79 -9.40
N PRO A 266 5.44 5.07 -8.48
CA PRO A 266 6.04 5.72 -7.30
C PRO A 266 7.20 6.60 -7.69
N PRO A 267 7.56 7.57 -6.85
CA PRO A 267 8.78 8.36 -7.12
C PRO A 267 10.02 7.51 -7.40
N SER A 268 10.16 6.41 -6.67
CA SER A 268 11.30 5.53 -6.90
C SER A 268 11.31 4.97 -8.33
N ALA A 269 10.13 4.74 -8.92
CA ALA A 269 10.10 4.32 -10.33
C ALA A 269 10.61 5.43 -11.25
N GLY A 270 10.24 6.66 -10.97
CA GLY A 270 10.76 7.76 -11.77
C GLY A 270 12.27 7.92 -11.67
N SER A 271 12.84 7.57 -10.51
CA SER A 271 14.27 7.80 -10.35
C SER A 271 15.10 6.96 -11.32
N ARG A 272 14.57 5.86 -11.85
CA ARG A 272 15.32 5.04 -12.79
C ARG A 272 15.28 5.58 -14.21
N MET A 273 14.42 6.55 -14.50
CA MET A 273 14.31 7.10 -15.85
C MET A 273 15.25 8.28 -16.04
N ILE A 274 15.65 8.50 -17.30
CA ILE A 274 16.40 9.69 -17.68
C ILE A 274 15.42 10.71 -18.21
N PHE A 275 15.51 11.95 -17.73
CA PHE A 275 14.63 13.03 -18.15
C PHE A 275 15.44 14.06 -18.93
N ASP A 276 14.95 14.43 -20.09
CA ASP A 276 15.61 15.49 -20.86
C ASP A 276 14.56 16.43 -21.43
N PRO A 277 14.47 17.67 -20.94
CA PRO A 277 15.42 18.21 -19.96
C PRO A 277 15.28 17.63 -18.55
N PRO A 278 16.32 17.79 -17.73
CA PRO A 278 16.28 17.25 -16.37
C PRO A 278 15.12 17.82 -15.59
N LEU A 279 14.64 17.04 -14.62
CA LEU A 279 13.57 17.48 -13.77
C LEU A 279 14.03 18.62 -12.86
N PRO A 280 13.11 19.39 -12.32
CA PRO A 280 13.48 20.43 -11.33
C PRO A 280 14.02 19.78 -10.07
N PRO A 281 14.79 20.54 -9.27
CA PRO A 281 15.57 19.89 -8.18
C PRO A 281 14.72 19.15 -7.17
N LYS A 282 13.60 19.73 -6.72
CA LYS A 282 12.81 19.07 -5.69
C LYS A 282 12.28 17.73 -6.16
N ARG A 283 11.81 17.66 -7.41
CA ARG A 283 11.29 16.38 -7.91
C ARG A 283 12.40 15.36 -8.09
N ALA A 284 13.55 15.79 -8.59
CA ALA A 284 14.67 14.85 -8.73
C ALA A 284 15.07 14.27 -7.36
N GLN A 285 15.19 15.14 -6.35
CA GLN A 285 15.54 14.66 -5.02
C GLN A 285 14.48 13.73 -4.44
N LEU A 286 13.20 14.09 -4.62
CA LEU A 286 12.12 13.26 -4.11
C LEU A 286 12.19 11.86 -4.71
N GLN A 287 12.38 11.77 -6.02
CA GLN A 287 12.42 10.45 -6.66
C GLN A 287 13.61 9.64 -6.15
N ALA A 288 14.77 10.29 -5.98
CA ALA A 288 15.95 9.56 -5.57
C ALA A 288 15.92 9.14 -4.10
N ARG A 289 15.15 9.83 -3.25
CA ARG A 289 15.30 9.66 -1.81
C ARG A 289 14.06 9.16 -1.09
N ALA A 290 12.95 8.92 -1.80
CA ALA A 290 11.74 8.34 -1.24
C ALA A 290 11.66 6.87 -1.64
N PRO A 291 12.19 5.94 -0.87
CA PRO A 291 12.20 4.54 -1.28
C PRO A 291 10.88 3.82 -1.02
N MET A 292 10.74 2.66 -1.65
CA MET A 292 9.70 1.72 -1.24
C MET A 292 10.05 1.09 0.10
N GLY A 293 9.01 0.86 0.89
CA GLY A 293 9.16 0.01 2.04
C GLY A 293 9.37 -1.42 1.60
N ARG A 294 9.51 -2.32 2.57
CA ARG A 294 9.67 -3.74 2.26
C ARG A 294 8.64 -4.56 3.02
N LEU A 295 7.98 -5.48 2.31
CA LEU A 295 6.86 -6.23 2.88
C LEU A 295 6.72 -7.56 2.15
N ALA A 296 6.42 -8.62 2.91
CA ALA A 296 6.03 -9.91 2.36
C ALA A 296 4.67 -10.34 2.91
N LYS A 297 3.92 -11.15 2.12
CA LYS A 297 2.53 -11.58 2.42
C LYS A 297 2.43 -13.10 2.34
N ILE A 298 2.36 -13.77 3.50
CA ILE A 298 2.40 -15.24 3.60
C ILE A 298 0.96 -15.71 3.81
N GLN A 299 0.54 -16.74 3.09
CA GLN A 299 -0.84 -17.19 3.18
C GLN A 299 -0.86 -18.70 3.37
N VAL A 300 -1.72 -19.18 4.27
CA VAL A 300 -1.85 -20.61 4.54
C VAL A 300 -3.33 -20.96 4.49
N ARG A 301 -3.68 -22.03 3.78
CA ARG A 301 -5.08 -22.41 3.65
C ARG A 301 -5.33 -23.72 4.37
N TYR A 302 -6.54 -23.84 4.92
CA TYR A 302 -7.00 -24.91 5.80
C TYR A 302 -8.41 -25.30 5.40
N ASP A 303 -8.87 -26.47 5.84
CA ASP A 303 -10.25 -26.84 5.56
C ASP A 303 -11.22 -25.84 6.16
N GLU A 304 -10.97 -25.38 7.38
CA GLU A 304 -11.92 -24.58 8.12
C GLU A 304 -11.20 -23.49 8.90
N PRO A 305 -11.88 -22.38 9.22
CA PRO A 305 -11.31 -21.33 10.07
C PRO A 305 -11.30 -21.79 11.54
N PHE A 306 -10.36 -22.70 11.83
CA PHE A 306 -10.34 -23.38 13.11
C PHE A 306 -10.07 -22.43 14.28
N TRP A 307 -9.50 -21.24 14.01
CA TRP A 307 -9.32 -20.27 15.08
C TRP A 307 -10.65 -19.92 15.74
N GLN A 308 -11.75 -19.99 15.00
CA GLN A 308 -13.06 -19.69 15.56
C GLN A 308 -13.45 -20.66 16.67
N GLU A 309 -12.83 -21.85 16.72
CA GLU A 309 -13.08 -22.77 17.82
C GLU A 309 -12.67 -22.19 19.16
N ARG A 310 -11.69 -21.27 19.18
CA ARG A 310 -11.30 -20.60 20.41
C ARG A 310 -12.00 -19.27 20.58
N GLY A 311 -13.05 -19.00 19.80
CA GLY A 311 -13.71 -17.71 19.84
C GLY A 311 -12.88 -16.56 19.28
N LEU A 312 -11.90 -16.87 18.45
CA LEU A 312 -10.97 -15.89 17.90
C LEU A 312 -11.38 -15.47 16.50
N SER A 313 -11.16 -14.21 16.21
CA SER A 313 -11.41 -13.69 14.88
C SER A 313 -10.39 -14.11 13.84
N GLY A 314 -9.16 -14.46 14.25
CA GLY A 314 -8.07 -14.70 13.35
C GLY A 314 -7.21 -13.47 13.12
N ALA A 315 -7.66 -12.29 13.55
CA ALA A 315 -6.81 -11.11 13.57
C ALA A 315 -5.83 -11.16 14.73
N ALA A 316 -4.57 -10.87 14.44
CA ALA A 316 -3.55 -10.89 15.49
C ALA A 316 -2.49 -9.83 15.19
N PHE A 317 -2.24 -8.97 16.17
CA PHE A 317 -1.09 -8.09 16.13
C PHE A 317 0.03 -8.84 16.84
N GLU A 318 0.93 -9.44 16.04
CA GLU A 318 1.98 -10.33 16.50
C GLU A 318 3.24 -9.49 16.64
N CYS A 319 3.52 -9.05 17.87
CA CYS A 319 4.56 -8.06 18.10
C CYS A 319 5.83 -8.72 18.62
N GLY A 320 6.94 -8.02 18.44
CA GLY A 320 8.21 -8.52 18.91
C GLY A 320 9.26 -8.56 17.81
N ASP A 321 10.26 -9.44 17.99
CA ASP A 321 11.43 -9.49 17.12
C ASP A 321 11.07 -9.96 15.71
N LEU A 322 10.01 -10.75 15.58
CA LEU A 322 9.57 -11.24 14.28
C LEU A 322 8.09 -10.96 14.17
N ALA A 323 7.77 -9.68 13.98
CA ALA A 323 6.41 -9.19 14.07
C ALA A 323 5.65 -9.35 12.76
N PHE A 324 4.37 -9.70 12.90
CA PHE A 324 3.43 -9.84 11.79
C PHE A 324 2.13 -9.14 12.14
N TRP A 325 1.34 -8.87 11.11
CA TRP A 325 -0.11 -8.72 11.25
C TRP A 325 -0.76 -9.92 10.59
N LEU A 326 -1.66 -10.61 11.31
CA LEU A 326 -2.35 -11.78 10.79
C LEU A 326 -3.84 -11.50 10.71
N PHE A 327 -4.49 -12.00 9.65
CA PHE A 327 -5.94 -11.86 9.52
C PHE A 327 -6.53 -13.08 8.85
N ASP A 328 -7.82 -13.30 9.11
CA ASP A 328 -8.62 -14.28 8.38
C ASP A 328 -9.00 -13.67 7.03
N GLY A 329 -8.44 -14.22 5.95
CA GLY A 329 -8.74 -13.72 4.61
C GLY A 329 -9.77 -14.54 3.86
N SER A 330 -10.60 -15.30 4.58
CA SER A 330 -11.56 -16.21 3.97
C SER A 330 -12.80 -15.47 3.49
N LYS A 331 -13.28 -15.82 2.29
CA LYS A 331 -14.55 -15.36 1.74
C LYS A 331 -15.58 -16.49 1.79
N PRO A 332 -16.86 -16.17 2.01
CA PRO A 332 -17.89 -17.22 2.05
C PRO A 332 -17.87 -18.11 0.82
N THR A 333 -17.47 -17.57 -0.34
CA THR A 333 -17.49 -18.35 -1.57
C THR A 333 -16.23 -19.20 -1.75
N ASP A 334 -15.24 -19.10 -0.86
CA ASP A 334 -14.06 -19.95 -0.95
C ASP A 334 -14.38 -21.35 -0.44
N SER A 335 -13.63 -22.33 -0.93
CA SER A 335 -13.78 -23.71 -0.48
C SER A 335 -12.76 -24.12 0.57
N LEU A 336 -11.79 -23.25 0.86
CA LEU A 336 -10.86 -23.40 1.98
C LEU A 336 -10.85 -22.09 2.77
N ALA A 337 -10.42 -22.16 4.02
CA ALA A 337 -10.18 -20.97 4.83
C ALA A 337 -8.74 -20.50 4.66
N THR A 338 -8.54 -19.19 4.80
CA THR A 338 -7.23 -18.59 4.56
C THR A 338 -6.81 -17.76 5.77
N ILE A 339 -5.60 -17.99 6.27
CA ILE A 339 -4.93 -17.05 7.17
C ILE A 339 -3.85 -16.32 6.38
N VAL A 340 -3.77 -15.01 6.57
CA VAL A 340 -2.85 -14.15 5.84
C VAL A 340 -1.96 -13.46 6.87
N GLY A 341 -0.65 -13.47 6.61
CA GLY A 341 0.31 -12.82 7.48
C GLY A 341 1.12 -11.84 6.67
N PHE A 342 1.35 -10.66 7.25
CA PHE A 342 2.18 -9.64 6.63
C PHE A 342 3.36 -9.36 7.55
N ILE A 343 4.55 -9.19 6.95
CA ILE A 343 5.76 -8.90 7.72
C ILE A 343 6.58 -7.89 6.94
N GLY A 344 7.11 -6.86 7.63
CA GLY A 344 7.73 -5.75 6.93
C GLY A 344 8.92 -5.18 7.68
N GLY A 345 9.61 -4.26 7.00
CA GLY A 345 10.67 -3.48 7.66
C GLY A 345 11.76 -4.34 8.28
N LYS A 346 12.12 -4.00 9.54
CA LYS A 346 13.21 -4.73 10.19
C LYS A 346 12.80 -6.18 10.45
N HIS A 347 11.51 -6.42 10.64
CA HIS A 347 11.04 -7.79 10.84
C HIS A 347 11.22 -8.59 9.57
N LEU A 348 10.92 -8.00 8.42
CA LEU A 348 11.18 -8.67 7.15
C LEU A 348 12.67 -8.88 6.93
N ASP A 349 13.52 -7.94 7.36
CA ASP A 349 14.96 -8.20 7.30
C ASP A 349 15.30 -9.50 8.04
N ALA A 350 14.78 -9.64 9.27
CA ALA A 350 14.99 -10.88 10.03
C ALA A 350 14.43 -12.10 9.30
N TRP A 351 13.21 -11.97 8.77
CA TRP A 351 12.55 -13.06 8.04
C TRP A 351 13.45 -13.52 6.88
N HIS A 352 14.00 -12.54 6.16
CA HIS A 352 14.88 -12.83 5.02
C HIS A 352 16.17 -13.51 5.45
N ALA A 353 16.61 -13.28 6.67
CA ALA A 353 17.82 -13.97 7.10
C ALA A 353 17.60 -15.46 7.39
N LEU A 354 16.35 -15.91 7.46
CA LEU A 354 16.02 -17.32 7.62
C LEU A 354 15.88 -18.01 6.25
N SER A 355 16.06 -19.33 6.26
CA SER A 355 15.83 -20.12 5.05
C SER A 355 14.34 -20.20 4.77
N PRO A 356 13.96 -20.44 3.51
CA PRO A 356 12.52 -20.60 3.21
C PRO A 356 11.86 -21.65 4.09
N ASN A 357 12.55 -22.77 4.32
CA ASN A 357 12.01 -23.83 5.16
C ASN A 357 11.85 -23.36 6.60
N GLU A 358 12.89 -22.68 7.12
CA GLU A 358 12.80 -22.14 8.47
C GLU A 358 11.68 -21.10 8.58
N ARG A 359 11.45 -20.33 7.52
CA ARG A 359 10.36 -19.35 7.55
C ARG A 359 9.01 -20.04 7.65
N GLU A 360 8.76 -21.02 6.78
CA GLU A 360 7.47 -21.71 6.82
C GLU A 360 7.26 -22.37 8.18
N LYS A 361 8.31 -23.00 8.73
CA LYS A 361 8.15 -23.66 10.02
C LYS A 361 7.87 -22.65 11.14
N ARG A 362 8.57 -21.52 11.10
CA ARG A 362 8.37 -20.47 12.09
C ARG A 362 6.94 -19.91 12.04
N PHE A 363 6.42 -19.70 10.82
CA PHE A 363 5.06 -19.21 10.69
C PHE A 363 4.05 -20.22 11.21
N ILE A 364 4.24 -21.50 10.89
CA ILE A 364 3.35 -22.51 11.44
C ILE A 364 3.40 -22.50 12.97
N GLU A 365 4.58 -22.32 13.55
CA GLU A 365 4.69 -22.29 15.01
C GLU A 365 3.94 -21.09 15.59
N ILE A 366 4.00 -19.95 14.90
CA ILE A 366 3.22 -18.80 15.34
C ILE A 366 1.73 -19.11 15.28
N LEU A 367 1.28 -19.72 14.19
CA LEU A 367 -0.14 -20.03 14.08
C LEU A 367 -0.58 -21.04 15.14
N VAL A 368 0.28 -22.00 15.47
CA VAL A 368 -0.06 -22.97 16.52
C VAL A 368 -0.18 -22.26 17.86
N ASN A 369 0.81 -21.42 18.17
CA ASN A 369 0.78 -20.67 19.43
C ASN A 369 -0.47 -19.83 19.55
N ASN A 370 -0.86 -19.16 18.46
CA ASN A 370 -1.94 -18.17 18.53
C ASN A 370 -3.32 -18.82 18.42
N PHE A 371 -3.45 -19.82 17.55
CA PHE A 371 -4.76 -20.30 17.12
C PHE A 371 -5.02 -21.77 17.40
N GLY A 372 -4.01 -22.54 17.78
CA GLY A 372 -4.22 -23.91 18.21
C GLY A 372 -3.54 -24.91 17.28
N ASP A 373 -3.58 -26.18 17.70
CA ASP A 373 -2.79 -27.22 17.05
C ASP A 373 -3.26 -27.52 15.63
N LYS A 374 -4.53 -27.29 15.32
CA LYS A 374 -5.01 -27.59 13.97
C LYS A 374 -4.31 -26.74 12.92
N ALA A 375 -3.55 -25.74 13.34
CA ALA A 375 -2.74 -24.98 12.40
C ALA A 375 -1.69 -25.86 11.73
N ARG A 376 -1.42 -27.04 12.26
CA ARG A 376 -0.43 -27.90 11.62
C ARG A 376 -0.96 -28.60 10.38
N ASP A 377 -2.28 -28.73 10.24
CA ASP A 377 -2.88 -29.51 9.16
C ASP A 377 -3.11 -28.62 7.93
N VAL A 378 -1.98 -28.18 7.35
CA VAL A 378 -2.02 -27.23 6.24
C VAL A 378 -2.52 -27.91 4.97
N ARG A 379 -3.15 -27.12 4.10
CA ARG A 379 -3.52 -27.56 2.77
C ARG A 379 -2.72 -26.89 1.65
N TYR A 380 -2.15 -25.71 1.91
CA TYR A 380 -1.52 -24.88 0.89
C TYR A 380 -0.81 -23.75 1.60
N VAL A 381 0.40 -23.42 1.13
CA VAL A 381 1.23 -22.37 1.71
C VAL A 381 1.83 -21.57 0.57
N HIS A 382 1.79 -20.25 0.67
CA HIS A 382 2.31 -19.41 -0.40
C HIS A 382 2.88 -18.13 0.17
N GLU A 383 4.01 -17.68 -0.37
CA GLU A 383 4.62 -16.42 0.05
C GLU A 383 4.79 -15.51 -1.16
N THR A 384 4.47 -14.22 -1.01
CA THR A 384 4.75 -13.22 -2.03
C THR A 384 5.71 -12.22 -1.40
N ASP A 385 6.91 -12.14 -1.93
CA ASP A 385 7.92 -11.21 -1.46
C ASP A 385 7.89 -10.00 -2.41
N TRP A 386 7.34 -8.88 -1.95
CA TRP A 386 7.24 -7.74 -2.86
C TRP A 386 8.59 -7.09 -3.15
N THR A 387 9.62 -7.36 -2.36
CA THR A 387 10.91 -6.71 -2.63
C THR A 387 11.57 -7.23 -3.90
N VAL A 388 11.17 -8.40 -4.39
CA VAL A 388 11.80 -8.94 -5.59
C VAL A 388 10.94 -8.76 -6.83
N GLN A 389 9.82 -8.03 -6.74
CA GLN A 389 8.97 -7.82 -7.92
C GLN A 389 9.60 -6.76 -8.82
N PRO A 390 9.94 -7.09 -10.06
CA PRO A 390 10.67 -6.14 -10.92
C PRO A 390 9.81 -4.92 -11.21
N TRP A 391 10.46 -3.75 -11.19
CA TRP A 391 9.87 -2.43 -11.39
C TRP A 391 8.90 -2.03 -10.28
N THR A 392 8.86 -2.79 -9.18
CA THR A 392 8.21 -2.32 -7.96
C THR A 392 9.21 -2.34 -6.82
N GLY A 393 9.75 -3.50 -6.47
CA GLY A 393 10.88 -3.54 -5.56
C GLY A 393 10.54 -3.24 -4.10
N GLY A 394 9.28 -3.35 -3.72
CA GLY A 394 8.94 -3.19 -2.32
C GLY A 394 7.45 -3.00 -2.13
N ALA A 395 7.09 -2.60 -0.89
CA ALA A 395 5.69 -2.61 -0.51
C ALA A 395 5.56 -2.23 0.96
N PRO A 396 4.35 -1.86 1.43
CA PRO A 396 3.14 -1.61 0.65
C PRO A 396 3.15 -0.23 0.01
N VAL A 397 4.02 0.64 0.52
CA VAL A 397 3.99 2.06 0.16
C VAL A 397 5.40 2.61 0.05
N THR A 398 5.49 3.81 -0.54
CA THR A 398 6.67 4.66 -0.42
C THR A 398 6.77 5.21 1.01
N PHE A 399 7.99 5.34 1.53
CA PHE A 399 8.19 6.06 2.79
C PHE A 399 9.27 7.11 2.58
N MET A 400 9.48 7.95 3.61
CA MET A 400 10.53 8.95 3.48
C MET A 400 11.39 8.98 4.75
N PRO A 401 12.72 9.12 4.58
CA PRO A 401 13.60 9.26 5.75
C PRO A 401 13.67 10.71 6.20
N THR A 402 14.44 11.01 7.24
CA THR A 402 14.52 12.39 7.73
C THR A 402 14.95 13.35 6.64
N GLY A 403 14.31 14.52 6.63
CA GLY A 403 14.71 15.63 5.79
C GLY A 403 14.02 15.74 4.46
N LEU A 404 13.32 14.69 4.00
CA LEU A 404 12.83 14.72 2.62
C LEU A 404 11.49 15.44 2.50
N LEU A 405 10.49 15.06 3.29
CA LEU A 405 9.17 15.68 3.14
C LEU A 405 9.25 17.19 3.25
N SER A 406 9.99 17.69 4.23
CA SER A 406 10.09 19.14 4.42
C SER A 406 10.88 19.85 3.32
N SER A 407 11.77 19.17 2.61
CA SER A 407 12.60 19.85 1.61
C SER A 407 12.17 19.60 0.17
N ALA A 408 11.36 18.57 -0.09
CA ALA A 408 10.98 18.22 -1.44
C ALA A 408 9.55 17.70 -1.57
N GLY A 409 8.74 17.68 -0.50
CA GLY A 409 7.43 17.06 -0.60
C GLY A 409 6.50 17.79 -1.54
N SER A 410 6.72 19.08 -1.77
CA SER A 410 5.84 19.81 -2.68
C SER A 410 5.90 19.27 -4.10
N ALA A 411 6.92 18.45 -4.41
CA ALA A 411 7.05 17.84 -5.72
C ALA A 411 6.28 16.53 -5.86
N LEU A 412 5.54 16.12 -4.82
CA LEU A 412 4.71 14.92 -4.92
C LEU A 412 3.60 15.10 -5.95
N ARG A 413 3.10 16.32 -6.15
CA ARG A 413 1.87 16.51 -6.91
C ARG A 413 1.99 17.46 -8.11
N GLU A 414 2.99 18.34 -8.11
CA GLU A 414 3.04 19.43 -9.08
C GLU A 414 3.46 18.90 -10.45
N PRO A 415 2.75 19.26 -11.52
CA PRO A 415 3.21 18.86 -12.87
C PRO A 415 4.52 19.55 -13.21
N VAL A 416 5.27 18.91 -14.10
CA VAL A 416 6.51 19.46 -14.65
C VAL A 416 6.28 19.64 -16.14
N ASP A 417 5.97 20.87 -16.55
CA ASP A 417 5.67 21.19 -17.94
C ASP A 417 4.56 20.29 -18.45
N ARG A 418 4.85 19.39 -19.40
CA ARG A 418 3.81 18.53 -19.94
C ARG A 418 3.71 17.18 -19.25
N LEU A 419 4.48 16.94 -18.18
CA LEU A 419 4.45 15.68 -17.44
C LEU A 419 3.68 15.87 -16.14
N HIS A 420 2.60 15.09 -15.98
CA HIS A 420 1.76 15.11 -14.80
C HIS A 420 2.05 13.88 -13.95
N PHE A 421 1.85 14.01 -12.64
CA PHE A 421 2.16 12.92 -11.73
C PHE A 421 0.87 12.37 -11.14
N ALA A 422 0.65 11.08 -11.34
CA ALA A 422 -0.39 10.37 -10.63
C ALA A 422 0.33 9.35 -9.75
N GLY A 423 -0.24 8.17 -9.54
CA GLY A 423 0.29 7.26 -8.53
C GLY A 423 -0.23 7.64 -7.17
N THR A 424 -0.39 6.67 -6.26
CA THR A 424 -1.05 6.96 -5.00
C THR A 424 -0.30 8.00 -4.18
N GLU A 425 1.02 8.09 -4.33
CA GLU A 425 1.80 9.08 -3.57
C GLU A 425 1.39 10.51 -3.87
N ALA A 426 0.79 10.78 -5.02
CA ALA A 426 0.35 12.12 -5.39
C ALA A 426 -1.04 12.46 -4.87
N ALA A 427 -1.74 11.52 -4.24
CA ALA A 427 -3.12 11.80 -3.83
C ALA A 427 -3.16 12.78 -2.66
N PRO A 428 -4.08 13.75 -2.69
CA PRO A 428 -4.21 14.65 -1.53
C PRO A 428 -4.53 13.91 -0.25
N MET A 429 -5.39 12.91 -0.33
CA MET A 429 -5.67 12.01 0.79
C MET A 429 -5.67 10.57 0.30
N TRP A 430 -5.42 9.65 1.24
CA TRP A 430 -5.35 8.22 0.98
C TRP A 430 -4.15 7.83 0.14
N SER A 431 -3.11 8.67 0.11
CA SER A 431 -1.81 8.23 -0.39
C SER A 431 -1.41 6.92 0.30
N GLY A 432 -0.88 5.98 -0.49
CA GLY A 432 -0.50 4.69 0.01
C GLY A 432 -1.53 3.60 -0.24
N TYR A 433 -2.77 3.99 -0.52
CA TYR A 433 -3.90 3.08 -0.64
C TYR A 433 -4.42 3.10 -2.07
N ILE A 434 -5.19 2.06 -2.42
CA ILE A 434 -5.77 2.02 -3.77
C ILE A 434 -6.66 3.24 -4.00
N GLU A 435 -7.47 3.62 -3.00
CA GLU A 435 -8.30 4.81 -3.14
C GLU A 435 -7.45 6.03 -3.51
N GLY A 436 -6.26 6.16 -2.91
CA GLY A 436 -5.35 7.24 -3.30
C GLY A 436 -4.87 7.11 -4.73
N ALA A 437 -4.55 5.89 -5.16
CA ALA A 437 -4.19 5.69 -6.55
C ALA A 437 -5.29 6.24 -7.47
N LEU A 438 -6.54 5.92 -7.14
CA LEU A 438 -7.64 6.34 -8.00
C LEU A 438 -7.85 7.85 -7.96
N ARG A 439 -7.79 8.45 -6.77
CA ARG A 439 -7.96 9.89 -6.65
C ARG A 439 -6.86 10.64 -7.42
N ALA A 440 -5.62 10.18 -7.29
CA ALA A 440 -4.52 10.82 -8.02
C ALA A 440 -4.67 10.64 -9.52
N GLY A 441 -5.16 9.47 -9.95
CA GLY A 441 -5.39 9.28 -11.38
C GLY A 441 -6.49 10.19 -11.89
N LYS A 442 -7.56 10.35 -11.10
CA LYS A 442 -8.64 11.25 -11.47
C LYS A 442 -8.15 12.69 -11.61
N ILE A 443 -7.34 13.14 -10.65
CA ILE A 443 -6.82 14.50 -10.70
C ILE A 443 -5.95 14.69 -11.94
N ALA A 444 -5.02 13.75 -12.19
CA ALA A 444 -4.13 13.92 -13.34
C ALA A 444 -4.92 13.91 -14.65
N ALA A 445 -5.89 13.00 -14.75
CA ALA A 445 -6.70 12.94 -15.97
C ALA A 445 -7.46 14.24 -16.18
N GLY A 446 -8.06 14.79 -15.12
CA GLY A 446 -8.76 16.07 -15.24
C GLY A 446 -7.85 17.20 -15.68
N ASP A 447 -6.64 17.28 -15.10
CA ASP A 447 -5.70 18.34 -15.45
C ASP A 447 -5.30 18.25 -16.91
N VAL A 448 -5.00 17.03 -17.37
CA VAL A 448 -4.57 16.84 -18.75
C VAL A 448 -5.72 17.13 -19.70
N LEU A 449 -6.93 16.67 -19.37
CA LEU A 449 -8.09 16.96 -20.22
C LEU A 449 -8.29 18.46 -20.36
N ALA A 450 -8.12 19.21 -19.27
CA ALA A 450 -8.24 20.66 -19.35
C ALA A 450 -7.19 21.25 -20.28
N ARG A 451 -5.98 20.69 -20.28
CA ARG A 451 -4.98 21.22 -21.20
C ARG A 451 -5.22 20.79 -22.65
N LEU A 452 -6.02 19.75 -22.86
CA LEU A 452 -6.35 19.33 -24.22
C LEU A 452 -7.50 20.12 -24.83
N ALA A 453 -8.27 20.83 -24.02
CA ALA A 453 -9.46 21.54 -24.51
C ALA A 453 -9.14 22.98 -24.91
#